data_8VGF
#
_entry.id   8VGF
#
_cell.length_a   115.519
_cell.length_b   115.519
_cell.length_c   136.422
_cell.angle_alpha   90.000
_cell.angle_beta   90.000
_cell.angle_gamma   120.000
#
_symmetry.space_group_name_H-M   'P 61 2 2'
#
loop_
_entity.id
_entity.type
_entity.pdbx_description
1 polymer 'Fab E104.v1.5DS light chain'
2 polymer 'Fab E104.v1.5DS heavy chain'
3 water water
#
loop_
_entity_poly.entity_id
_entity_poly.type
_entity_poly.pdbx_seq_one_letter_code
_entity_poly.pdbx_strand_id
1 'polypeptide(L)'
;DIQMTQSPSSLSASVGDRVTITCQSIKSVYNNRLGWYQQKCGKAPKLLIYETSILTSGVPSRFSGSGSGTDFTLTISSLQ
CEDFATYYCAGGFDRSGDTTFGQGTKVEIKRTVAAPSVCIFPPSDEQLKSGTASVVCLLNNFYPREAKVQWKVDNALQSG
NSQESVTCQDSKDCTYSLSSTLTLSKADYEKHKVYACEVTHQGLSSPVTKSFNRGEC
;
L
2 'polypeptide(L)'
;EVQLVESGPGCVKPSETLSLTCTVSRFSLIGYAITWIRQPPGKGLEWIGGISSAATTFYSSWAKSRVTISVDTSKNQFSL
KLSSVTAADTAVYYCARDPRGYGAALDRLDLWGQGTCVTVSSFSTKGPSVFPLAPSSKSTSGGTACLGCLVKDYFCECPV
TVSWNSGALTSGVHTFPAVLQSSGLYSLSSVVTVPSSSLGTQTYICNVNHKPSNTKVDKKVEPKSCDKTHTHHHHHHP
;
H
#
# COMPACT_ATOMS: atom_id res chain seq x y z
N ILE A 2 -25.05 3.76 5.78
CA ILE A 2 -24.27 3.00 6.80
C ILE A 2 -23.54 1.84 6.12
N GLN A 3 -22.24 1.68 6.36
CA GLN A 3 -21.50 0.53 5.82
C GLN A 3 -22.21 -0.77 6.18
N MET A 4 -22.21 -1.74 5.28
CA MET A 4 -22.75 -3.08 5.63
C MET A 4 -21.84 -3.70 6.69
N THR A 5 -22.34 -4.67 7.45
CA THR A 5 -21.55 -5.26 8.57
C THR A 5 -20.82 -6.51 8.09
N GLN A 6 -19.52 -6.57 8.36
CA GLN A 6 -18.71 -7.77 8.03
C GLN A 6 -18.23 -8.42 9.33
N SER A 7 -18.07 -9.74 9.31
CA SER A 7 -17.62 -10.47 10.45
C SER A 7 -16.74 -11.65 10.04
N PRO A 8 -15.65 -11.89 10.76
CA PRO A 8 -15.11 -11.11 11.89
C PRO A 8 -14.38 -9.86 11.38
N SER A 9 -13.75 -9.07 12.25
CA SER A 9 -12.94 -7.95 11.80
C SER A 9 -11.58 -8.41 11.30
N SER A 10 -11.06 -9.46 11.91
CA SER A 10 -9.80 -10.06 11.48
CA SER A 10 -9.82 -10.06 11.46
C SER A 10 -9.85 -11.52 11.87
N LEU A 11 -9.15 -12.36 11.10
CA LEU A 11 -9.04 -13.77 11.48
C LEU A 11 -7.69 -14.26 10.99
N SER A 12 -7.27 -15.38 11.55
CA SER A 12 -6.06 -16.05 11.11
CA SER A 12 -6.06 -16.04 11.07
C SER A 12 -6.32 -17.55 11.00
N ALA A 13 -5.69 -18.20 10.02
CA ALA A 13 -5.73 -19.66 9.94
C ALA A 13 -4.42 -20.15 9.32
N SER A 14 -4.28 -21.48 9.21
CA SER A 14 -3.07 -21.99 8.58
C SER A 14 -3.27 -22.19 7.08
N VAL A 15 -2.13 -22.33 6.36
CA VAL A 15 -2.13 -22.68 4.95
C VAL A 15 -2.94 -23.95 4.76
N GLY A 16 -3.89 -23.92 3.83
CA GLY A 16 -4.66 -25.11 3.51
C GLY A 16 -5.99 -25.18 4.22
N ASP A 17 -6.19 -24.33 5.23
CA ASP A 17 -7.42 -24.24 5.98
C ASP A 17 -8.54 -23.60 5.13
N ARG A 18 -9.77 -23.92 5.50
CA ARG A 18 -10.98 -23.28 4.96
C ARG A 18 -11.42 -22.16 5.90
N VAL A 19 -11.62 -20.94 5.37
CA VAL A 19 -12.12 -19.84 6.18
C VAL A 19 -13.33 -19.20 5.52
N THR A 20 -14.12 -18.54 6.35
CA THR A 20 -15.37 -17.92 5.96
C THR A 20 -15.42 -16.49 6.48
N ILE A 21 -15.90 -15.57 5.64
CA ILE A 21 -16.14 -14.17 6.00
C ILE A 21 -17.60 -13.86 5.72
N THR A 22 -18.29 -13.24 6.67
CA THR A 22 -19.69 -12.92 6.42
C THR A 22 -19.92 -11.43 6.24
N CYS A 23 -20.99 -11.14 5.51
CA CYS A 23 -21.41 -9.81 5.17
C CYS A 23 -22.90 -9.76 5.38
N GLN A 24 -23.33 -8.72 6.09
CA GLN A 24 -24.72 -8.56 6.45
C GLN A 24 -25.18 -7.13 6.19
N SER A 25 -26.36 -6.99 5.61
CA SER A 25 -26.89 -5.66 5.34
C SER A 25 -28.24 -5.50 6.03
N ILE A 26 -28.70 -4.26 6.11
CA ILE A 26 -30.01 -4.00 6.69
C ILE A 26 -31.10 -4.19 5.64
N LYS A 27 -30.97 -3.52 4.49
CA LYS A 27 -31.88 -3.70 3.39
C LYS A 27 -31.45 -4.90 2.55
N SER A 28 -32.41 -5.50 1.85
CA SER A 28 -32.08 -6.61 0.96
C SER A 28 -31.36 -6.10 -0.29
N VAL A 29 -30.41 -6.90 -0.80
CA VAL A 29 -29.68 -6.50 -2.00
C VAL A 29 -30.62 -6.48 -3.20
N TYR A 30 -30.39 -5.54 -4.11
CA TYR A 30 -31.18 -5.44 -5.33
C TYR A 30 -30.54 -6.30 -6.41
N ASN A 31 -31.33 -7.21 -6.99
CA ASN A 31 -30.92 -7.97 -8.18
C ASN A 31 -29.51 -8.58 -8.07
N ASN A 32 -29.25 -9.19 -6.92
CA ASN A 32 -28.01 -9.93 -6.65
C ASN A 32 -26.77 -9.06 -6.73
N ARG A 33 -26.91 -7.75 -6.61
CA ARG A 33 -25.74 -6.86 -6.65
C ARG A 33 -24.98 -6.95 -5.32
N LEU A 34 -24.16 -8.00 -5.19
CA LEU A 34 -23.24 -8.18 -4.07
C LEU A 34 -21.91 -8.70 -4.63
N GLY A 35 -20.84 -7.97 -4.36
CA GLY A 35 -19.53 -8.35 -4.84
C GLY A 35 -18.55 -8.32 -3.69
N TRP A 36 -17.40 -8.97 -3.93
CA TRP A 36 -16.33 -9.16 -2.95
C TRP A 36 -15.01 -8.74 -3.61
N TYR A 37 -14.25 -7.92 -2.88
CA TYR A 37 -12.98 -7.32 -3.27
C TYR A 37 -11.88 -7.81 -2.35
N GLN A 38 -10.71 -8.02 -2.93
CA GLN A 38 -9.49 -8.34 -2.19
C GLN A 38 -8.51 -7.18 -2.30
N GLN A 39 -8.04 -6.68 -1.17
CA GLN A 39 -7.08 -5.57 -1.21
C GLN A 39 -5.80 -5.99 -0.49
N LYS A 40 -4.72 -6.07 -1.26
CA LYS A 40 -3.38 -6.32 -0.72
C LYS A 40 -2.72 -4.99 -0.34
N CYS A 41 -1.65 -5.07 0.45
CA CYS A 41 -1.04 -3.86 0.97
C CYS A 41 -0.51 -3.02 -0.17
N GLY A 42 -0.77 -1.72 -0.10
CA GLY A 42 -0.24 -0.81 -1.10
C GLY A 42 -0.96 -0.89 -2.43
N LYS A 43 -2.00 -1.71 -2.57
CA LYS A 43 -2.60 -1.94 -3.88
C LYS A 43 -4.07 -1.59 -3.88
N ALA A 44 -4.60 -1.33 -5.07
CA ALA A 44 -6.03 -1.12 -5.20
C ALA A 44 -6.78 -2.40 -4.92
N PRO A 45 -8.02 -2.29 -4.43
CA PRO A 45 -8.86 -3.47 -4.32
C PRO A 45 -9.02 -4.14 -5.67
N LYS A 46 -9.32 -5.43 -5.63
CA LYS A 46 -9.52 -6.22 -6.84
C LYS A 46 -10.81 -7.02 -6.73
N LEU A 47 -11.60 -7.01 -7.77
CA LEU A 47 -12.88 -7.70 -7.75
C LEU A 47 -12.63 -9.20 -7.84
N LEU A 48 -13.02 -9.95 -6.82
CA LEU A 48 -12.92 -11.40 -6.89
C LEU A 48 -14.23 -12.05 -7.29
N ILE A 49 -15.34 -11.56 -6.75
CA ILE A 49 -16.63 -12.21 -6.98
C ILE A 49 -17.68 -11.14 -7.20
N TYR A 50 -18.51 -11.31 -8.23
CA TYR A 50 -19.60 -10.37 -8.46
C TYR A 50 -20.92 -11.10 -8.55
N GLU A 51 -21.98 -10.30 -8.43
CA GLU A 51 -23.35 -10.79 -8.43
C GLU A 51 -23.49 -12.04 -7.56
N THR A 52 -22.96 -11.89 -6.32
CA THR A 52 -23.04 -12.84 -5.22
C THR A 52 -22.13 -14.05 -5.37
N SER A 53 -22.07 -14.70 -6.53
CA SER A 53 -21.37 -15.97 -6.58
C SER A 53 -20.54 -16.21 -7.84
N ILE A 54 -20.40 -15.24 -8.73
CA ILE A 54 -19.67 -15.45 -9.98
C ILE A 54 -18.24 -14.96 -9.80
N LEU A 55 -17.30 -15.86 -10.09
CA LEU A 55 -15.87 -15.56 -10.02
C LEU A 55 -15.40 -14.77 -11.21
N THR A 56 -14.62 -13.74 -10.91
CA THR A 56 -13.85 -13.02 -11.91
C THR A 56 -12.89 -13.96 -12.62
N SER A 57 -12.71 -13.73 -13.92
CA SER A 57 -11.81 -14.59 -14.67
C SER A 57 -10.41 -14.55 -14.06
N GLY A 58 -9.80 -15.74 -13.92
CA GLY A 58 -8.46 -15.86 -13.38
C GLY A 58 -8.38 -15.96 -11.87
N VAL A 59 -9.45 -15.64 -11.14
CA VAL A 59 -9.50 -15.86 -9.70
C VAL A 59 -9.57 -17.35 -9.41
N PRO A 60 -8.72 -17.87 -8.51
CA PRO A 60 -8.68 -19.33 -8.30
C PRO A 60 -9.99 -19.83 -7.70
N SER A 61 -10.34 -21.08 -8.05
CA SER A 61 -11.61 -21.68 -7.65
C SER A 61 -11.74 -21.90 -6.14
N ARG A 62 -10.66 -21.71 -5.37
CA ARG A 62 -10.72 -21.78 -3.90
C ARG A 62 -11.61 -20.69 -3.32
N PHE A 63 -11.83 -19.61 -4.05
CA PHE A 63 -12.75 -18.57 -3.62
C PHE A 63 -14.15 -18.92 -4.10
N SER A 64 -15.14 -18.76 -3.24
CA SER A 64 -16.53 -18.91 -3.65
C SER A 64 -17.38 -17.97 -2.82
N GLY A 65 -18.52 -17.58 -3.38
CA GLY A 65 -19.41 -16.63 -2.73
C GLY A 65 -20.80 -17.23 -2.67
N SER A 66 -21.50 -16.98 -1.57
CA SER A 66 -22.86 -17.50 -1.45
C SER A 66 -23.68 -16.51 -0.64
N GLY A 67 -24.96 -16.82 -0.53
CA GLY A 67 -25.91 -16.07 0.27
C GLY A 67 -26.96 -15.43 -0.59
N SER A 68 -27.83 -14.67 0.07
CA SER A 68 -28.92 -14.01 -0.61
C SER A 68 -29.56 -13.01 0.33
N GLY A 69 -30.34 -12.11 -0.26
CA GLY A 69 -31.09 -11.13 0.49
C GLY A 69 -30.20 -10.18 1.25
N THR A 70 -30.00 -10.49 2.53
CA THR A 70 -29.24 -9.65 3.43
C THR A 70 -28.02 -10.35 4.03
N ASP A 71 -27.77 -11.63 3.71
CA ASP A 71 -26.71 -12.39 4.37
C ASP A 71 -25.86 -13.12 3.33
N PHE A 72 -24.56 -12.82 3.31
CA PHE A 72 -23.63 -13.29 2.30
C PHE A 72 -22.35 -13.81 2.93
N THR A 73 -21.72 -14.74 2.23
CA THR A 73 -20.53 -15.40 2.73
C THR A 73 -19.50 -15.45 1.61
N LEU A 74 -18.27 -15.05 1.92
CA LEU A 74 -17.11 -15.40 1.11
C LEU A 74 -16.35 -16.55 1.76
N THR A 75 -16.13 -17.65 1.02
CA THR A 75 -15.35 -18.80 1.50
C THR A 75 -14.03 -18.90 0.73
N ILE A 76 -12.92 -19.07 1.46
CA ILE A 76 -11.64 -19.48 0.88
C ILE A 76 -11.33 -20.88 1.37
N SER A 77 -11.31 -21.84 0.45
CA SER A 77 -11.37 -23.23 0.88
C SER A 77 -10.00 -23.85 1.13
N SER A 78 -8.92 -23.18 0.70
CA SER A 78 -7.58 -23.74 0.91
C SER A 78 -6.63 -22.55 1.05
N LEU A 79 -6.61 -21.97 2.24
CA LEU A 79 -5.97 -20.67 2.43
C LEU A 79 -4.52 -20.72 1.97
N GLN A 80 -4.10 -19.72 1.21
CA GLN A 80 -2.73 -19.64 0.75
C GLN A 80 -2.10 -18.33 1.20
N CYS A 81 -0.76 -18.31 1.23
CA CYS A 81 -0.04 -17.10 1.62
C CYS A 81 -0.46 -15.90 0.79
N GLU A 82 -0.67 -16.08 -0.51
CA GLU A 82 -1.06 -14.96 -1.36
CA GLU A 82 -1.08 -15.00 -1.39
C GLU A 82 -2.48 -14.49 -1.07
N ASP A 83 -3.20 -15.12 -0.16
CA ASP A 83 -4.52 -14.63 0.23
C ASP A 83 -4.48 -13.61 1.36
N PHE A 84 -3.29 -13.34 1.93
CA PHE A 84 -3.21 -12.26 2.91
C PHE A 84 -3.75 -10.96 2.31
N ALA A 85 -4.76 -10.37 2.94
CA ALA A 85 -5.40 -9.18 2.37
C ALA A 85 -6.53 -8.75 3.28
N THR A 86 -7.10 -7.59 2.97
CA THR A 86 -8.37 -7.18 3.57
C THR A 86 -9.44 -7.38 2.51
N TYR A 87 -10.52 -8.00 2.92
CA TYR A 87 -11.61 -8.33 2.04
C TYR A 87 -12.79 -7.43 2.36
N TYR A 88 -13.46 -6.94 1.30
CA TYR A 88 -14.62 -6.05 1.45
C TYR A 88 -15.75 -6.61 0.61
N CYS A 89 -16.95 -6.66 1.20
CA CYS A 89 -18.15 -6.83 0.39
C CYS A 89 -18.68 -5.45 -0.02
N ALA A 90 -19.46 -5.42 -1.10
CA ALA A 90 -20.06 -4.19 -1.57
C ALA A 90 -21.39 -4.52 -2.20
N GLY A 91 -22.38 -3.68 -1.95
CA GLY A 91 -23.75 -4.00 -2.33
C GLY A 91 -24.50 -2.81 -2.89
N GLY A 92 -25.48 -3.13 -3.73
CA GLY A 92 -26.46 -2.17 -4.21
C GLY A 92 -27.82 -2.56 -3.66
N PHE A 93 -28.56 -1.57 -3.17
CA PHE A 93 -29.91 -1.77 -2.65
C PHE A 93 -30.97 -1.10 -3.48
N ASP A 94 -30.59 -0.21 -4.37
CA ASP A 94 -31.49 0.29 -5.39
C ASP A 94 -30.63 0.78 -6.57
N ARG A 95 -31.25 1.52 -7.49
CA ARG A 95 -30.61 2.02 -8.69
C ARG A 95 -30.44 3.53 -8.69
N SER A 96 -30.37 4.17 -7.53
CA SER A 96 -30.40 5.61 -7.50
C SER A 96 -29.42 6.22 -6.51
N GLY A 97 -28.58 5.40 -5.90
CA GLY A 97 -27.50 5.93 -5.08
C GLY A 97 -27.35 5.20 -3.76
N ASP A 98 -28.21 4.21 -3.51
CA ASP A 98 -28.12 3.44 -2.27
C ASP A 98 -27.20 2.26 -2.52
N THR A 99 -25.92 2.49 -2.27
CA THR A 99 -24.89 1.48 -2.50
C THR A 99 -23.76 1.78 -1.54
N THR A 100 -23.13 0.74 -1.00
CA THR A 100 -22.05 0.97 -0.03
C THR A 100 -21.13 -0.24 0.11
N PHE A 101 -20.03 -0.03 0.82
CA PHE A 101 -19.06 -1.07 1.16
C PHE A 101 -19.26 -1.60 2.57
N GLY A 102 -18.84 -2.85 2.80
CA GLY A 102 -18.67 -3.32 4.16
C GLY A 102 -17.40 -2.78 4.80
N GLN A 103 -17.28 -3.02 6.11
CA GLN A 103 -16.18 -2.43 6.89
C GLN A 103 -14.82 -3.12 6.65
N GLY A 104 -14.79 -4.27 6.01
CA GLY A 104 -13.50 -4.93 5.76
C GLY A 104 -13.22 -6.03 6.79
N THR A 105 -12.56 -7.09 6.34
CA THR A 105 -12.10 -8.16 7.20
C THR A 105 -10.66 -8.48 6.81
N LYS A 106 -9.76 -8.47 7.79
CA LYS A 106 -8.35 -8.81 7.57
C LYS A 106 -8.13 -10.30 7.71
N VAL A 107 -7.35 -10.86 6.79
CA VAL A 107 -7.01 -12.28 6.85
C VAL A 107 -5.49 -12.39 6.99
N GLU A 108 -5.04 -13.06 8.05
CA GLU A 108 -3.63 -13.41 8.20
C GLU A 108 -3.48 -14.90 8.17
N ILE A 109 -2.28 -15.33 7.84
CA ILE A 109 -1.96 -16.73 7.61
C ILE A 109 -0.83 -17.16 8.55
N LYS A 110 -1.09 -18.18 9.32
CA LYS A 110 -0.07 -18.67 10.23
C LYS A 110 0.78 -19.71 9.51
N ARG A 111 2.07 -19.74 9.83
CA ARG A 111 3.00 -20.72 9.26
C ARG A 111 4.02 -21.06 10.34
N THR A 112 4.98 -21.92 10.00
CA THR A 112 6.00 -22.32 10.96
C THR A 112 6.94 -21.16 11.27
N VAL A 113 7.69 -21.31 12.34
CA VAL A 113 8.68 -20.30 12.67
C VAL A 113 9.75 -20.25 11.58
N ALA A 114 10.17 -19.04 11.21
CA ALA A 114 11.27 -18.80 10.27
C ALA A 114 12.18 -17.73 10.85
N ALA A 115 13.48 -18.05 11.00
CA ALA A 115 14.43 -17.06 11.52
C ALA A 115 14.78 -16.02 10.45
N PRO A 116 15.01 -14.77 10.83
CA PRO A 116 15.41 -13.75 9.85
C PRO A 116 16.88 -13.88 9.49
N SER A 117 17.20 -13.57 8.23
CA SER A 117 18.59 -13.28 7.88
C SER A 117 18.81 -11.77 8.00
N VAL A 118 19.97 -11.35 8.50
CA VAL A 118 20.19 -9.97 8.89
C VAL A 118 21.28 -9.32 8.03
N CYS A 119 21.05 -8.07 7.61
CA CYS A 119 22.02 -7.28 6.84
C CYS A 119 22.18 -5.90 7.49
N ILE A 120 23.38 -5.33 7.43
CA ILE A 120 23.61 -3.99 7.97
C ILE A 120 24.26 -3.12 6.92
N PHE A 121 23.85 -1.84 6.85
CA PHE A 121 24.38 -0.87 5.89
C PHE A 121 24.92 0.36 6.60
N PRO A 122 26.16 0.76 6.34
CA PRO A 122 26.68 2.00 6.88
C PRO A 122 26.12 3.19 6.13
N PRO A 123 26.25 4.41 6.65
CA PRO A 123 25.82 5.57 5.86
C PRO A 123 26.65 5.70 4.61
N SER A 124 26.00 6.09 3.51
CA SER A 124 26.70 6.31 2.26
C SER A 124 27.55 7.60 2.31
N ASP A 125 28.55 7.68 1.43
CA ASP A 125 29.39 8.88 1.41
C ASP A 125 28.60 10.11 1.01
N GLU A 126 27.66 9.97 0.08
CA GLU A 126 26.83 11.11 -0.30
C GLU A 126 26.10 11.68 0.90
N GLN A 127 25.48 10.82 1.72
CA GLN A 127 24.75 11.31 2.88
C GLN A 127 25.69 11.95 3.90
N LEU A 128 26.86 11.33 4.09
CA LEU A 128 27.87 11.92 4.95
C LEU A 128 28.33 13.28 4.46
N LYS A 129 28.21 13.57 3.15
CA LYS A 129 28.52 14.93 2.68
C LYS A 129 27.65 15.96 3.40
N SER A 130 26.37 15.68 3.60
CA SER A 130 25.58 16.53 4.47
C SER A 130 25.83 16.15 5.93
N GLY A 131 25.08 16.78 6.84
CA GLY A 131 25.38 16.64 8.25
C GLY A 131 24.75 15.45 8.94
N THR A 132 24.16 14.52 8.20
CA THR A 132 23.37 13.45 8.77
C THR A 132 23.93 12.09 8.36
N ALA A 133 23.66 11.07 9.19
CA ALA A 133 24.14 9.71 8.94
C ALA A 133 23.06 8.74 9.37
N SER A 134 22.63 7.90 8.44
CA SER A 134 21.61 6.88 8.68
C SER A 134 22.31 5.53 8.59
N VAL A 135 22.08 4.67 9.56
CA VAL A 135 22.54 3.29 9.51
C VAL A 135 21.33 2.39 9.41
N VAL A 136 21.37 1.39 8.54
CA VAL A 136 20.16 0.60 8.28
C VAL A 136 20.43 -0.85 8.59
N CYS A 137 19.55 -1.45 9.39
CA CYS A 137 19.55 -2.86 9.71
C CYS A 137 18.34 -3.47 9.03
N LEU A 138 18.55 -4.57 8.33
CA LEU A 138 17.51 -5.26 7.59
C LEU A 138 17.33 -6.66 8.13
N LEU A 139 16.09 -7.04 8.39
CA LEU A 139 15.73 -8.40 8.80
C LEU A 139 14.87 -8.96 7.70
N ASN A 140 15.30 -10.06 7.07
CA ASN A 140 14.58 -10.63 5.94
C ASN A 140 13.91 -11.95 6.26
N ASN A 141 12.61 -12.05 5.90
CA ASN A 141 11.87 -13.30 5.74
C ASN A 141 11.82 -14.11 7.05
N PHE A 142 11.17 -13.50 8.03
CA PHE A 142 11.00 -14.17 9.31
C PHE A 142 9.51 -14.32 9.62
N TYR A 143 9.22 -15.16 10.62
CA TYR A 143 7.87 -15.45 11.08
C TYR A 143 8.01 -16.04 12.46
N PRO A 144 7.20 -15.64 13.44
CA PRO A 144 6.16 -14.60 13.34
C PRO A 144 6.76 -13.19 13.38
N ARG A 145 5.87 -12.20 13.52
CA ARG A 145 6.20 -10.80 13.30
C ARG A 145 7.03 -10.23 14.46
N GLU A 146 6.80 -10.74 15.66
CA GLU A 146 7.51 -10.24 16.87
C GLU A 146 9.02 -10.32 16.65
N ALA A 147 9.70 -9.18 16.77
CA ALA A 147 11.17 -9.13 16.57
C ALA A 147 11.72 -7.93 17.36
N LYS A 148 12.83 -8.13 18.05
CA LYS A 148 13.47 -6.99 18.77
C LYS A 148 14.76 -6.61 18.06
N VAL A 149 14.84 -5.37 17.59
CA VAL A 149 16.09 -4.88 16.96
C VAL A 149 16.72 -3.85 17.91
N GLN A 150 17.96 -4.07 18.31
CA GLN A 150 18.64 -3.18 19.27
C GLN A 150 19.92 -2.64 18.63
N TRP A 151 20.09 -1.33 18.65
CA TRP A 151 21.28 -0.71 18.02
C TRP A 151 22.35 -0.49 19.07
N LYS A 152 23.60 -0.75 18.70
CA LYS A 152 24.72 -0.50 19.64
C LYS A 152 25.81 0.27 18.90
N VAL A 153 26.32 1.31 19.55
CA VAL A 153 27.40 2.09 18.96
C VAL A 153 28.55 2.05 19.94
N ASP A 154 29.70 1.58 19.49
CA ASP A 154 30.81 1.27 20.40
C ASP A 154 30.28 0.56 21.66
N ASN A 155 29.40 -0.41 21.44
CA ASN A 155 28.85 -1.25 22.54
C ASN A 155 28.01 -0.40 23.50
N ALA A 156 27.67 0.82 23.10
CA ALA A 156 26.73 1.62 23.92
C ALA A 156 25.34 1.46 23.30
N LEU A 157 24.36 1.10 24.11
CA LEU A 157 22.99 0.85 23.60
C LEU A 157 22.35 2.19 23.23
N GLN A 158 21.54 2.18 22.18
CA GLN A 158 20.90 3.44 21.70
C GLN A 158 19.39 3.40 21.96
N SER A 159 18.80 4.54 22.24
CA SER A 159 17.36 4.67 22.38
C SER A 159 16.94 6.04 21.88
N GLY A 160 15.83 6.07 21.15
CA GLY A 160 15.24 7.31 20.72
C GLY A 160 15.73 7.83 19.39
N ASN A 161 16.73 7.20 18.77
CA ASN A 161 17.25 7.65 17.48
C ASN A 161 17.09 6.60 16.39
N SER A 162 16.13 5.69 16.55
CA SER A 162 15.89 4.65 15.56
C SER A 162 14.40 4.50 15.32
N GLN A 163 14.06 4.09 14.11
CA GLN A 163 12.67 3.81 13.75
C GLN A 163 12.65 2.61 12.84
N GLU A 164 11.58 1.81 12.92
CA GLU A 164 11.44 0.65 12.05
C GLU A 164 10.14 0.65 11.27
N SER A 165 10.10 -0.19 10.26
CA SER A 165 8.86 -0.49 9.58
C SER A 165 8.97 -1.86 8.96
N VAL A 166 7.81 -2.46 8.71
CA VAL A 166 7.66 -3.87 8.43
C VAL A 166 6.81 -4.02 7.20
N THR A 167 7.17 -4.97 6.33
CA THR A 167 6.31 -5.28 5.22
C THR A 167 5.10 -6.07 5.69
N CYS A 168 4.18 -6.31 4.77
CA CYS A 168 3.10 -7.24 5.00
C CYS A 168 3.56 -8.66 4.67
N GLN A 169 2.80 -9.63 5.12
CA GLN A 169 3.09 -11.03 4.91
C GLN A 169 3.37 -11.30 3.43
N ASP A 170 4.45 -12.02 3.16
CA ASP A 170 4.89 -12.25 1.80
C ASP A 170 3.95 -13.19 1.03
N SER A 171 3.71 -12.87 -0.25
CA SER A 171 2.73 -13.65 -1.01
CA SER A 171 2.74 -13.64 -1.06
C SER A 171 3.21 -15.07 -1.29
N LYS A 172 4.50 -15.31 -1.31
CA LYS A 172 5.03 -16.63 -1.59
C LYS A 172 5.29 -17.47 -0.33
N ASP A 173 5.83 -16.87 0.75
CA ASP A 173 6.24 -17.70 1.86
C ASP A 173 5.69 -17.22 3.20
N CYS A 174 4.76 -16.28 3.20
CA CYS A 174 4.08 -15.83 4.41
C CYS A 174 4.98 -15.11 5.42
N THR A 175 6.23 -14.80 5.09
CA THR A 175 7.11 -14.12 6.06
C THR A 175 6.95 -12.60 6.04
N TYR A 176 7.50 -11.98 7.09
CA TYR A 176 7.68 -10.54 7.17
C TYR A 176 9.13 -10.17 6.85
N SER A 177 9.33 -8.90 6.51
CA SER A 177 10.67 -8.33 6.50
C SER A 177 10.62 -6.95 7.16
N LEU A 178 11.74 -6.53 7.76
CA LEU A 178 11.74 -5.39 8.67
C LEU A 178 12.99 -4.55 8.42
N SER A 179 12.84 -3.24 8.43
CA SER A 179 13.97 -2.34 8.36
C SER A 179 13.97 -1.47 9.60
N SER A 180 15.15 -1.29 10.17
CA SER A 180 15.35 -0.41 11.30
C SER A 180 16.43 0.57 10.90
N THR A 181 16.17 1.85 11.12
CA THR A 181 17.06 2.93 10.71
C THR A 181 17.48 3.71 11.94
N LEU A 182 18.79 3.77 12.16
CA LEU A 182 19.39 4.52 13.23
C LEU A 182 19.89 5.83 12.65
N THR A 183 19.47 6.93 13.26
CA THR A 183 19.82 8.26 12.76
C THR A 183 20.77 8.91 13.75
N LEU A 184 21.95 9.30 13.29
CA LEU A 184 22.86 10.13 14.08
C LEU A 184 23.33 11.32 13.27
N SER A 185 23.83 12.33 13.97
CA SER A 185 24.51 13.41 13.30
C SER A 185 25.87 12.94 12.81
N LYS A 186 26.39 13.63 11.78
CA LYS A 186 27.73 13.30 11.28
C LYS A 186 28.77 13.39 12.39
N ALA A 187 28.68 14.42 13.23
CA ALA A 187 29.63 14.57 14.32
C ALA A 187 29.61 13.37 15.26
N ASP A 188 28.44 12.96 15.73
CA ASP A 188 28.37 11.79 16.60
C ASP A 188 28.78 10.52 15.87
N TYR A 189 28.45 10.40 14.58
CA TYR A 189 28.82 9.21 13.82
C TYR A 189 30.33 9.04 13.73
N GLU A 190 31.04 10.14 13.52
CA GLU A 190 32.47 10.13 13.27
C GLU A 190 33.26 9.91 14.55
N LYS A 191 32.64 10.07 15.73
CA LYS A 191 33.34 9.85 17.01
C LYS A 191 33.46 8.38 17.37
N HIS A 192 32.82 7.46 16.64
CA HIS A 192 32.66 6.08 17.08
C HIS A 192 33.01 5.08 15.99
N LYS A 193 33.23 3.84 16.38
CA LYS A 193 33.83 2.89 15.44
C LYS A 193 32.93 1.71 15.11
N VAL A 194 32.52 0.91 16.09
CA VAL A 194 31.65 -0.24 15.81
C VAL A 194 30.16 0.13 15.92
N TYR A 195 29.47 -0.16 14.83
CA TYR A 195 28.02 0.00 14.74
C TYR A 195 27.43 -1.38 14.58
N ALA A 196 26.48 -1.73 15.45
CA ALA A 196 25.95 -3.08 15.50
C ALA A 196 24.45 -3.05 15.72
N CYS A 197 23.73 -3.94 15.05
CA CYS A 197 22.33 -4.16 15.38
C CYS A 197 22.17 -5.61 15.78
N GLU A 198 21.53 -5.82 16.92
CA GLU A 198 21.35 -7.12 17.51
C GLU A 198 19.86 -7.45 17.41
N VAL A 199 19.57 -8.64 16.92
CA VAL A 199 18.25 -9.07 16.50
C VAL A 199 17.86 -10.23 17.40
N THR A 200 16.72 -10.12 18.02
CA THR A 200 16.22 -11.18 18.89
C THR A 200 14.90 -11.66 18.29
N HIS A 201 14.82 -12.96 18.05
CA HIS A 201 13.65 -13.50 17.38
C HIS A 201 13.54 -14.95 17.79
N GLN A 202 12.31 -15.44 17.87
CA GLN A 202 12.14 -16.77 18.42
C GLN A 202 12.68 -17.85 17.49
N GLY A 203 12.92 -17.55 16.22
CA GLY A 203 13.59 -18.53 15.38
C GLY A 203 15.09 -18.65 15.60
N LEU A 204 15.69 -17.75 16.35
CA LEU A 204 17.11 -17.77 16.62
C LEU A 204 17.34 -18.22 18.05
N SER A 205 18.19 -19.22 18.25
CA SER A 205 18.40 -19.70 19.61
C SER A 205 19.11 -18.65 20.47
N SER A 206 19.93 -17.80 19.88
CA SER A 206 20.47 -16.67 20.60
C SER A 206 20.47 -15.46 19.68
N PRO A 207 20.56 -14.24 20.23
CA PRO A 207 20.45 -13.04 19.37
C PRO A 207 21.59 -12.99 18.38
N VAL A 208 21.27 -12.45 17.21
CA VAL A 208 22.21 -12.31 16.11
C VAL A 208 22.61 -10.86 15.99
N THR A 209 23.90 -10.60 15.92
CA THR A 209 24.40 -9.23 15.82
C THR A 209 25.12 -9.09 14.49
N LYS A 210 24.77 -8.06 13.75
CA LYS A 210 25.52 -7.71 12.56
C LYS A 210 26.14 -6.34 12.78
N SER A 211 27.34 -6.14 12.28
CA SER A 211 28.09 -4.95 12.67
C SER A 211 29.11 -4.60 11.62
N PHE A 212 29.58 -3.36 11.70
CA PHE A 212 30.66 -2.88 10.87
C PHE A 212 31.48 -1.88 11.66
N ASN A 213 32.75 -1.76 11.27
CA ASN A 213 33.64 -0.73 11.78
C ASN A 213 33.72 0.38 10.74
N ARG A 214 33.45 1.61 11.15
CA ARG A 214 33.44 2.75 10.25
C ARG A 214 34.79 2.92 9.58
N GLY A 215 34.82 2.89 8.25
CA GLY A 215 36.05 2.92 7.48
C GLY A 215 36.73 1.57 7.30
N VAL B 2 -5.57 -2.34 -20.32
CA VAL B 2 -6.30 -1.09 -20.26
C VAL B 2 -6.09 -0.60 -18.83
N GLN B 3 -5.79 0.68 -18.67
CA GLN B 3 -5.42 1.20 -17.37
C GLN B 3 -6.16 2.50 -17.14
N LEU B 4 -6.57 2.69 -15.92
CA LEU B 4 -7.14 3.95 -15.45
C LEU B 4 -6.00 4.72 -14.77
N VAL B 5 -5.47 5.73 -15.44
CA VAL B 5 -4.34 6.51 -14.93
C VAL B 5 -4.87 7.68 -14.12
N GLU B 6 -4.55 7.72 -12.84
CA GLU B 6 -5.00 8.81 -11.97
C GLU B 6 -3.91 9.84 -11.79
N SER B 7 -4.33 11.10 -11.74
CA SER B 7 -3.38 12.18 -11.56
C SER B 7 -4.00 13.17 -10.59
N GLY B 8 -3.14 13.86 -9.83
CA GLY B 8 -3.57 14.82 -8.85
C GLY B 8 -2.37 15.43 -8.14
N PRO B 9 -2.58 16.46 -7.34
CA PRO B 9 -1.44 17.27 -6.85
C PRO B 9 -0.64 16.62 -5.73
N GLY B 10 -1.19 15.63 -5.05
CA GLY B 10 -0.46 14.96 -3.97
C GLY B 10 -0.60 15.69 -2.65
N CYS B 11 0.02 16.85 -2.53
CA CYS B 11 -0.04 17.61 -1.25
C CYS B 11 -0.85 18.89 -1.49
N VAL B 12 -1.91 19.08 -0.71
CA VAL B 12 -2.80 20.26 -0.89
C VAL B 12 -2.98 20.92 0.48
N LYS B 13 -3.27 22.22 0.49
CA LYS B 13 -3.45 22.95 1.76
C LYS B 13 -4.93 23.04 2.09
N PRO B 14 -5.30 23.05 3.39
CA PRO B 14 -6.71 23.23 3.77
C PRO B 14 -7.36 24.43 3.07
N SER B 15 -8.64 24.29 2.74
CA SER B 15 -9.52 25.26 2.09
C SER B 15 -9.30 25.30 0.57
N GLU B 16 -8.34 24.60 0.00
CA GLU B 16 -8.23 24.62 -1.45
C GLU B 16 -9.22 23.62 -2.10
N THR B 17 -9.35 23.77 -3.40
CA THR B 17 -10.10 22.79 -4.19
C THR B 17 -9.15 21.72 -4.70
N LEU B 18 -9.46 20.48 -4.39
CA LEU B 18 -8.72 19.35 -4.91
C LEU B 18 -9.27 18.97 -6.28
N SER B 19 -8.39 18.84 -7.27
CA SER B 19 -8.75 18.43 -8.61
C SER B 19 -8.02 17.15 -9.02
N LEU B 20 -8.78 16.07 -9.28
CA LEU B 20 -8.20 14.79 -9.70
C LEU B 20 -8.68 14.43 -11.08
N THR B 21 -7.85 13.69 -11.81
CA THR B 21 -8.29 13.16 -13.10
C THR B 21 -8.04 11.67 -13.11
N CYS B 22 -8.83 10.97 -13.90
CA CYS B 22 -8.74 9.53 -14.14
C CYS B 22 -8.86 9.40 -15.65
N THR B 23 -7.75 9.11 -16.32
CA THR B 23 -7.68 9.03 -17.77
C THR B 23 -7.67 7.56 -18.19
N VAL B 24 -8.62 7.18 -19.03
CA VAL B 24 -8.65 5.85 -19.63
C VAL B 24 -7.57 5.80 -20.71
N SER B 25 -6.57 4.97 -20.48
CA SER B 25 -5.34 5.04 -21.25
C SER B 25 -5.41 4.24 -22.52
N ARG B 26 -6.42 3.39 -22.66
CA ARG B 26 -6.50 2.52 -23.81
C ARG B 26 -7.94 2.42 -24.27
N PHE B 27 -8.10 2.29 -25.59
CA PHE B 27 -9.41 2.05 -26.19
C PHE B 27 -10.08 0.81 -25.60
N SER B 28 -11.37 0.96 -25.29
CA SER B 28 -12.26 -0.15 -24.94
C SER B 28 -13.55 0.03 -25.74
N LEU B 29 -14.00 -1.04 -26.40
CA LEU B 29 -15.31 -1.01 -27.07
C LEU B 29 -16.53 -1.06 -26.05
N ILE B 30 -16.25 -0.87 -24.77
CA ILE B 30 -17.22 -0.95 -23.70
C ILE B 30 -17.82 0.44 -23.47
N GLY B 31 -19.15 0.50 -23.34
CA GLY B 31 -19.81 1.65 -22.73
C GLY B 31 -19.77 1.63 -21.20
N TYR B 32 -18.65 2.03 -20.60
CA TYR B 32 -18.42 1.77 -19.19
C TYR B 32 -18.73 3.00 -18.32
N ALA B 33 -18.87 2.76 -17.02
CA ALA B 33 -19.08 3.88 -16.10
C ALA B 33 -17.83 4.03 -15.23
N ILE B 34 -17.60 5.21 -14.67
CA ILE B 34 -16.44 5.42 -13.75
C ILE B 34 -16.95 5.84 -12.39
N THR B 35 -16.46 5.18 -11.35
CA THR B 35 -16.87 5.49 -9.97
C THR B 35 -15.66 6.00 -9.20
N TRP B 36 -15.87 6.97 -8.32
CA TRP B 36 -14.79 7.49 -7.47
C TRP B 36 -14.98 6.96 -6.05
N ILE B 37 -13.89 6.52 -5.42
CA ILE B 37 -13.94 5.95 -4.06
C ILE B 37 -12.71 6.44 -3.31
N ARG B 38 -12.85 6.73 -2.01
CA ARG B 38 -11.63 7.05 -1.28
C ARG B 38 -11.45 6.16 -0.05
N GLN B 39 -10.20 6.13 0.41
CA GLN B 39 -9.77 5.32 1.53
C GLN B 39 -8.84 6.15 2.40
N PRO B 40 -9.33 6.68 3.52
CA PRO B 40 -8.47 7.38 4.46
C PRO B 40 -7.44 6.42 5.05
N PRO B 41 -6.29 6.93 5.51
CA PRO B 41 -5.23 6.06 6.03
C PRO B 41 -5.75 5.10 7.08
N GLY B 42 -5.41 3.82 6.94
CA GLY B 42 -5.86 2.81 7.90
C GLY B 42 -7.35 2.54 7.96
N LYS B 43 -8.18 3.10 7.07
CA LYS B 43 -9.63 2.89 7.14
C LYS B 43 -10.14 2.12 5.94
N GLY B 44 -11.46 2.10 5.82
CA GLY B 44 -12.08 1.34 4.73
C GLY B 44 -12.43 2.16 3.51
N LEU B 45 -13.10 1.53 2.55
CA LEU B 45 -13.45 2.20 1.28
C LEU B 45 -14.74 3.00 1.44
N GLU B 46 -14.74 4.21 0.90
CA GLU B 46 -15.92 5.09 0.99
C GLU B 46 -16.28 5.57 -0.42
N TRP B 47 -17.54 5.40 -0.81
CA TRP B 47 -18.02 5.88 -2.13
C TRP B 47 -18.13 7.40 -2.14
N ILE B 48 -17.59 8.04 -3.17
CA ILE B 48 -17.72 9.52 -3.33
C ILE B 48 -18.86 9.75 -4.30
N GLY B 49 -18.82 9.05 -5.43
CA GLY B 49 -19.85 9.19 -6.46
C GLY B 49 -19.42 8.53 -7.75
N GLY B 50 -20.25 8.64 -8.78
CA GLY B 50 -19.95 7.99 -10.05
C GLY B 50 -20.65 8.57 -11.27
N ILE B 51 -20.26 8.11 -12.45
CA ILE B 51 -20.83 8.64 -13.71
C ILE B 51 -21.17 7.46 -14.63
N SER B 52 -22.41 7.40 -15.10
CA SER B 52 -22.90 6.27 -15.93
C SER B 52 -22.45 6.35 -17.39
N SER B 53 -22.85 5.34 -18.15
CA SER B 53 -22.56 5.31 -19.61
C SER B 53 -23.33 6.43 -20.31
N ALA B 54 -24.45 6.88 -19.73
CA ALA B 54 -25.23 8.02 -20.27
C ALA B 54 -24.81 9.32 -19.61
N ALA B 55 -23.69 9.35 -18.89
CA ALA B 55 -23.19 10.54 -18.17
C ALA B 55 -24.10 10.90 -16.98
N THR B 56 -25.04 10.02 -16.61
CA THR B 56 -25.85 10.29 -15.40
C THR B 56 -24.88 10.30 -14.22
N THR B 57 -24.76 11.43 -13.55
CA THR B 57 -23.75 11.57 -12.48
C THR B 57 -24.40 11.42 -11.11
N PHE B 58 -23.88 10.51 -10.30
CA PHE B 58 -24.44 10.24 -8.95
C PHE B 58 -23.43 10.65 -7.87
N TYR B 59 -23.94 11.07 -6.72
CA TYR B 59 -23.07 11.52 -5.61
C TYR B 59 -23.51 10.90 -4.29
N SER B 60 -22.55 10.52 -3.45
CA SER B 60 -22.88 10.03 -2.10
C SER B 60 -23.48 11.18 -1.31
N SER B 61 -24.34 10.85 -0.34
CA SER B 61 -24.97 11.90 0.42
C SER B 61 -23.98 12.90 1.01
N TRP B 62 -22.81 12.44 1.44
CA TRP B 62 -21.82 13.36 2.05
C TRP B 62 -21.16 14.24 0.98
N ALA B 63 -21.02 13.75 -0.24
CA ALA B 63 -20.30 14.48 -1.30
C ALA B 63 -21.23 15.41 -2.08
N LYS B 64 -22.54 15.19 -1.99
CA LYS B 64 -23.52 15.95 -2.81
C LYS B 64 -23.25 17.46 -2.79
N SER B 65 -22.72 17.99 -1.69
CA SER B 65 -22.54 19.45 -1.60
C SER B 65 -21.07 19.89 -1.71
N ARG B 66 -20.13 19.00 -2.00
CA ARG B 66 -18.73 19.46 -2.03
C ARG B 66 -17.96 18.84 -3.21
N VAL B 67 -18.57 17.92 -3.94
CA VAL B 67 -17.89 17.23 -5.07
C VAL B 67 -18.61 17.52 -6.39
N THR B 68 -17.83 17.70 -7.46
CA THR B 68 -18.36 17.72 -8.83
CA THR B 68 -18.39 17.68 -8.81
C THR B 68 -17.62 16.65 -9.62
N ILE B 69 -18.36 15.83 -10.34
CA ILE B 69 -17.78 14.74 -11.12
C ILE B 69 -18.18 14.97 -12.57
N SER B 70 -17.24 14.75 -13.49
CA SER B 70 -17.56 15.06 -14.89
C SER B 70 -16.68 14.24 -15.80
N VAL B 71 -17.02 14.24 -17.08
CA VAL B 71 -16.22 13.56 -18.08
C VAL B 71 -15.91 14.53 -19.21
N ASP B 72 -14.68 14.47 -19.72
CA ASP B 72 -14.25 15.09 -20.96
C ASP B 72 -14.00 13.95 -21.95
N THR B 73 -14.99 13.71 -22.82
CA THR B 73 -14.91 12.58 -23.74
C THR B 73 -13.82 12.77 -24.77
N SER B 74 -13.55 14.01 -25.19
CA SER B 74 -12.46 14.22 -26.14
C SER B 74 -11.12 13.69 -25.60
N LYS B 75 -10.91 13.65 -24.28
CA LYS B 75 -9.67 13.11 -23.72
C LYS B 75 -9.85 11.79 -22.99
N ASN B 76 -11.05 11.20 -23.02
CA ASN B 76 -11.41 10.07 -22.17
C ASN B 76 -10.88 10.27 -20.77
N GLN B 77 -11.16 11.46 -20.23
CA GLN B 77 -10.65 11.86 -18.92
C GLN B 77 -11.81 12.19 -18.01
N PHE B 78 -11.88 11.51 -16.85
CA PHE B 78 -12.90 11.76 -15.85
C PHE B 78 -12.31 12.61 -14.74
N SER B 79 -13.07 13.59 -14.29
CA SER B 79 -12.59 14.56 -13.33
C SER B 79 -13.39 14.47 -12.04
N LEU B 80 -12.69 14.71 -10.94
CA LEU B 80 -13.32 14.86 -9.63
C LEU B 80 -12.78 16.14 -9.00
N LYS B 81 -13.68 17.01 -8.55
CA LYS B 81 -13.33 18.23 -7.85
C LYS B 81 -13.93 18.14 -6.46
N LEU B 82 -13.11 18.36 -5.45
CA LEU B 82 -13.55 18.36 -4.06
C LEU B 82 -13.22 19.73 -3.47
N SER B 83 -14.25 20.47 -3.06
CA SER B 83 -14.00 21.83 -2.64
C SER B 83 -13.76 21.95 -1.12
N SER B 84 -13.09 23.04 -0.74
CA SER B 84 -12.82 23.42 0.65
C SER B 84 -12.33 22.25 1.48
N VAL B 85 -11.22 21.64 1.04
CA VAL B 85 -10.71 20.46 1.73
C VAL B 85 -10.20 20.82 3.12
N THR B 86 -10.26 19.84 4.02
CA THR B 86 -9.59 19.88 5.29
C THR B 86 -8.72 18.63 5.43
N ALA B 87 -7.97 18.57 6.53
CA ALA B 87 -7.13 17.41 6.84
C ALA B 87 -7.93 16.12 6.79
N ALA B 88 -9.24 16.20 7.03
CA ALA B 88 -10.07 14.99 6.99
C ALA B 88 -10.34 14.48 5.57
N ASP B 89 -9.92 15.20 4.53
CA ASP B 89 -10.02 14.68 3.17
C ASP B 89 -8.75 13.98 2.71
N THR B 90 -7.74 13.92 3.56
CA THR B 90 -6.54 13.12 3.30
C THR B 90 -6.93 11.66 3.10
N ALA B 91 -6.53 11.10 1.96
CA ALA B 91 -6.88 9.71 1.63
C ALA B 91 -6.30 9.29 0.29
N VAL B 92 -6.33 8.00 0.02
CA VAL B 92 -5.98 7.53 -1.34
C VAL B 92 -7.29 7.59 -2.11
N TYR B 93 -7.29 8.28 -3.24
CA TYR B 93 -8.50 8.41 -4.06
C TYR B 93 -8.39 7.46 -5.24
N TYR B 94 -9.40 6.61 -5.41
CA TYR B 94 -9.38 5.61 -6.49
C TYR B 94 -10.48 5.82 -7.52
N CYS B 95 -10.17 5.59 -8.78
CA CYS B 95 -11.22 5.57 -9.82
C CYS B 95 -11.38 4.11 -10.24
N ALA B 96 -12.62 3.69 -10.49
CA ALA B 96 -12.88 2.28 -10.87
C ALA B 96 -13.98 2.21 -11.93
N ARG B 97 -14.01 1.12 -12.68
CA ARG B 97 -14.96 1.01 -13.81
C ARG B 97 -16.01 -0.07 -13.58
N ASP B 98 -17.28 0.27 -13.81
CA ASP B 98 -18.36 -0.74 -13.81
C ASP B 98 -18.59 -1.09 -15.27
N PRO B 99 -18.29 -2.33 -15.71
CA PRO B 99 -18.42 -2.71 -17.12
C PRO B 99 -19.87 -2.68 -17.64
N ARG B 100 -20.85 -2.64 -16.74
CA ARG B 100 -22.28 -2.59 -17.13
C ARG B 100 -22.75 -1.16 -17.38
N GLY B 101 -21.93 -0.16 -17.07
CA GLY B 101 -22.31 1.22 -17.35
C GLY B 101 -23.08 1.89 -16.24
N TYR B 102 -23.18 1.28 -15.07
CA TYR B 102 -23.92 1.81 -13.93
C TYR B 102 -23.11 2.86 -13.19
N GLY B 103 -23.73 4.00 -12.91
CA GLY B 103 -23.09 5.10 -12.23
C GLY B 103 -23.24 5.09 -10.72
N ALA B 104 -24.13 4.26 -10.20
CA ALA B 104 -24.36 4.12 -8.77
C ALA B 104 -24.33 2.64 -8.38
N ALA B 105 -23.20 1.98 -8.57
CA ALA B 105 -23.12 0.58 -8.19
C ALA B 105 -21.71 0.26 -7.73
N LEU B 106 -21.56 -0.52 -6.66
CA LEU B 106 -20.24 -0.92 -6.20
C LEU B 106 -19.99 -2.42 -6.25
N ASP B 107 -20.96 -3.20 -6.70
CA ASP B 107 -20.81 -4.64 -6.67
C ASP B 107 -19.97 -5.20 -7.82
N ARG B 108 -19.59 -4.39 -8.81
CA ARG B 108 -18.89 -5.00 -9.96
C ARG B 108 -17.92 -4.00 -10.57
N LEU B 109 -16.88 -3.64 -9.80
CA LEU B 109 -15.88 -2.70 -10.26
C LEU B 109 -14.71 -3.54 -10.75
N ASP B 110 -14.71 -3.85 -12.07
CA ASP B 110 -13.77 -4.86 -12.55
C ASP B 110 -12.39 -4.30 -12.83
N LEU B 111 -12.21 -2.98 -12.81
CA LEU B 111 -10.94 -2.39 -13.22
C LEU B 111 -10.72 -1.14 -12.40
N TRP B 112 -9.57 -1.03 -11.75
CA TRP B 112 -9.30 0.05 -10.80
C TRP B 112 -8.07 0.84 -11.25
N GLY B 113 -8.08 2.15 -11.03
CA GLY B 113 -6.81 2.84 -11.03
C GLY B 113 -5.97 2.41 -9.82
N GLN B 114 -4.69 2.77 -9.82
CA GLN B 114 -3.80 2.43 -8.69
C GLN B 114 -3.91 3.39 -7.53
N GLY B 115 -4.75 4.41 -7.67
CA GLY B 115 -4.95 5.36 -6.58
C GLY B 115 -4.02 6.56 -6.64
N THR B 116 -4.54 7.72 -6.28
CA THR B 116 -3.69 8.91 -6.18
C THR B 116 -3.77 9.35 -4.71
N CYS B 117 -2.62 9.50 -4.09
CA CYS B 117 -2.57 9.89 -2.66
C CYS B 117 -2.82 11.38 -2.51
N VAL B 118 -3.66 11.76 -1.56
CA VAL B 118 -3.89 13.20 -1.29
C VAL B 118 -3.65 13.47 0.19
N THR B 119 -2.79 14.44 0.49
CA THR B 119 -2.56 14.83 1.90
C THR B 119 -2.98 16.29 2.06
N VAL B 120 -4.00 16.55 2.86
CA VAL B 120 -4.35 17.94 3.11
C VAL B 120 -3.59 18.41 4.33
N SER B 121 -2.73 19.40 4.16
CA SER B 121 -1.96 19.84 5.32
C SER B 121 -1.38 21.22 5.06
N SER B 122 -0.98 21.87 6.16
CA SER B 122 -0.32 23.16 6.10
C SER B 122 1.16 23.05 5.77
N PHE B 123 1.75 21.86 5.89
CA PHE B 123 3.20 21.77 5.82
C PHE B 123 3.72 21.76 4.39
N SER B 124 4.92 22.28 4.21
CA SER B 124 5.52 22.48 2.89
C SER B 124 6.01 21.18 2.26
N THR B 125 5.73 21.05 0.97
CA THR B 125 6.28 20.00 0.13
C THR B 125 7.81 20.02 0.14
N LYS B 126 8.42 18.83 0.15
CA LYS B 126 9.87 18.71 0.16
C LYS B 126 10.28 17.44 -0.56
N GLY B 127 11.18 17.56 -1.53
CA GLY B 127 11.64 16.41 -2.25
C GLY B 127 12.70 15.59 -1.52
N PRO B 128 12.76 14.31 -1.83
CA PRO B 128 13.67 13.41 -1.10
C PRO B 128 15.09 13.42 -1.63
N SER B 129 16.03 13.07 -0.74
CA SER B 129 17.37 12.67 -1.16
C SER B 129 17.41 11.17 -1.28
N VAL B 130 18.12 10.66 -2.28
CA VAL B 130 18.20 9.23 -2.52
C VAL B 130 19.64 8.78 -2.32
N PHE B 131 19.83 7.82 -1.42
CA PHE B 131 21.14 7.37 -1.01
C PHE B 131 21.28 5.87 -1.22
N PRO B 132 22.41 5.41 -1.75
CA PRO B 132 22.60 3.97 -1.91
C PRO B 132 22.87 3.30 -0.57
N LEU B 133 22.27 2.12 -0.40
CA LEU B 133 22.59 1.16 0.63
C LEU B 133 23.42 0.08 -0.05
N ALA B 134 24.74 0.12 0.17
CA ALA B 134 25.68 -0.77 -0.50
C ALA B 134 26.07 -1.93 0.41
N PRO B 135 26.21 -3.14 -0.16
CA PRO B 135 26.59 -4.37 0.57
C PRO B 135 27.67 -4.15 1.63
N THR B 144 24.01 -15.07 0.30
CA THR B 144 23.46 -14.11 -0.65
C THR B 144 23.71 -12.68 -0.15
N ALA B 145 23.38 -11.65 -0.94
CA ALA B 145 23.65 -10.28 -0.55
C ALA B 145 22.40 -9.40 -0.58
N CYS B 146 22.49 -8.26 0.11
CA CYS B 146 21.43 -7.26 0.23
C CYS B 146 21.92 -5.94 -0.36
N LEU B 147 21.04 -5.21 -1.05
CA LEU B 147 21.36 -3.84 -1.44
C LEU B 147 20.06 -3.05 -1.53
N GLY B 148 20.19 -1.73 -1.64
CA GLY B 148 18.96 -0.94 -1.81
C GLY B 148 19.17 0.56 -1.83
N CYS B 149 18.09 1.31 -1.68
CA CYS B 149 18.16 2.78 -1.70
C CYS B 149 17.39 3.35 -0.51
N LEU B 150 17.90 4.43 0.07
CA LEU B 150 17.19 5.10 1.18
C LEU B 150 16.61 6.41 0.65
N VAL B 151 15.29 6.50 0.55
CA VAL B 151 14.62 7.75 0.12
C VAL B 151 14.35 8.54 1.39
N LYS B 152 15.05 9.66 1.61
CA LYS B 152 14.96 10.33 2.93
C LYS B 152 14.55 11.80 2.90
N ASP B 153 13.85 12.25 3.94
CA ASP B 153 13.51 13.69 4.14
C ASP B 153 12.56 14.22 3.06
N TYR B 154 11.37 13.64 2.97
CA TYR B 154 10.38 14.10 1.97
C TYR B 154 9.01 14.35 2.58
N PHE B 155 8.25 15.26 1.97
CA PHE B 155 6.86 15.55 2.40
C PHE B 155 6.14 16.06 1.15
N CYS B 156 4.90 15.61 0.89
CA CYS B 156 4.14 14.65 1.73
C CYS B 156 4.53 13.20 1.40
N GLU B 157 3.88 12.22 2.01
CA GLU B 157 4.26 10.78 1.86
C GLU B 157 4.17 10.30 0.41
N CYS B 158 2.99 10.35 -0.18
CA CYS B 158 2.83 9.84 -1.56
C CYS B 158 2.16 10.92 -2.41
N PRO B 159 2.13 10.85 -3.76
CA PRO B 159 2.63 9.70 -4.53
C PRO B 159 4.15 9.55 -4.63
N VAL B 160 4.67 8.40 -4.21
CA VAL B 160 6.14 8.12 -4.32
C VAL B 160 6.29 6.77 -5.04
N THR B 161 7.25 6.65 -5.95
CA THR B 161 7.38 5.42 -6.75
C THR B 161 8.81 4.90 -6.69
N VAL B 162 9.02 3.62 -6.38
CA VAL B 162 10.35 3.04 -6.37
C VAL B 162 10.33 1.78 -7.20
N SER B 163 11.13 1.75 -8.27
CA SER B 163 11.28 0.59 -9.12
C SER B 163 12.76 0.24 -9.19
N TRP B 164 13.07 -0.96 -9.65
CA TRP B 164 14.44 -1.39 -9.75
C TRP B 164 14.76 -1.78 -11.19
N ASN B 165 15.85 -1.24 -11.71
CA ASN B 165 16.29 -1.49 -13.08
C ASN B 165 15.19 -1.12 -14.07
N SER B 166 14.38 -0.13 -13.70
CA SER B 166 13.27 0.33 -14.53
C SER B 166 12.25 -0.79 -14.73
N GLY B 167 11.96 -1.54 -13.66
CA GLY B 167 10.96 -2.59 -13.68
C GLY B 167 11.49 -4.00 -13.85
N ALA B 168 12.75 -4.14 -14.28
CA ALA B 168 13.30 -5.45 -14.62
C ALA B 168 13.51 -6.33 -13.40
N LEU B 169 13.74 -5.73 -12.23
CA LEU B 169 14.03 -6.48 -11.02
C LEU B 169 12.81 -6.39 -10.10
N THR B 170 12.09 -7.50 -9.98
CA THR B 170 10.90 -7.58 -9.13
C THR B 170 11.02 -8.61 -8.02
N SER B 171 11.70 -9.73 -8.27
CA SER B 171 11.75 -10.81 -7.30
C SER B 171 12.71 -10.47 -6.17
N GLY B 172 12.25 -10.63 -4.94
CA GLY B 172 13.05 -10.34 -3.77
C GLY B 172 13.07 -8.88 -3.34
N VAL B 173 12.37 -8.00 -4.06
CA VAL B 173 12.38 -6.57 -3.73
C VAL B 173 11.34 -6.32 -2.64
N HIS B 174 11.74 -5.56 -1.62
CA HIS B 174 10.86 -5.17 -0.52
C HIS B 174 11.01 -3.67 -0.34
N THR B 175 9.99 -2.93 -0.73
CA THR B 175 9.94 -1.50 -0.46
C THR B 175 9.06 -1.28 0.77
N PHE B 176 9.66 -0.78 1.83
CA PHE B 176 9.03 -0.70 3.13
C PHE B 176 8.06 0.47 3.19
N PRO B 177 7.03 0.39 4.02
CA PRO B 177 6.24 1.60 4.31
C PRO B 177 7.15 2.71 4.83
N ALA B 178 6.79 3.94 4.52
CA ALA B 178 7.54 5.09 4.99
C ALA B 178 7.24 5.34 6.47
N VAL B 179 8.21 5.87 7.16
CA VAL B 179 8.03 6.26 8.55
C VAL B 179 8.14 7.78 8.65
N LEU B 180 7.32 8.38 9.49
CA LEU B 180 7.49 9.81 9.79
C LEU B 180 8.61 9.95 10.80
N GLN B 181 9.69 10.63 10.41
CA GLN B 181 10.83 10.86 11.30
C GLN B 181 10.52 11.95 12.32
N SER B 182 11.34 12.01 13.37
CA SER B 182 11.17 13.04 14.40
C SER B 182 11.40 14.43 13.85
N SER B 183 12.07 14.55 12.69
CA SER B 183 12.11 15.79 11.93
C SER B 183 10.77 16.20 11.32
N GLY B 184 9.78 15.31 11.28
CA GLY B 184 8.55 15.63 10.57
C GLY B 184 8.56 15.36 9.07
N LEU B 185 9.61 14.77 8.53
CA LEU B 185 9.66 14.35 7.13
C LEU B 185 9.64 12.83 7.04
N TYR B 186 9.17 12.31 5.90
CA TYR B 186 9.14 10.87 5.70
C TYR B 186 10.51 10.32 5.28
N SER B 187 10.70 9.02 5.52
CA SER B 187 11.84 8.27 5.03
C SER B 187 11.41 6.84 4.73
N LEU B 188 11.93 6.26 3.65
CA LEU B 188 11.70 4.84 3.41
C LEU B 188 12.90 4.20 2.76
N SER B 189 12.97 2.89 2.84
CA SER B 189 14.02 2.17 2.13
C SER B 189 13.38 1.11 1.25
N SER B 190 14.02 0.89 0.10
CA SER B 190 13.70 -0.21 -0.80
C SER B 190 14.94 -1.09 -0.86
N VAL B 191 14.76 -2.40 -0.76
CA VAL B 191 15.89 -3.31 -0.73
C VAL B 191 15.59 -4.49 -1.65
N VAL B 192 16.65 -5.13 -2.12
CA VAL B 192 16.52 -6.38 -2.84
C VAL B 192 17.68 -7.28 -2.43
N THR B 193 17.36 -8.55 -2.22
CA THR B 193 18.37 -9.58 -2.00
C THR B 193 18.70 -10.22 -3.34
N VAL B 194 19.99 -10.23 -3.66
CA VAL B 194 20.50 -10.68 -4.97
C VAL B 194 21.58 -11.73 -4.78
N PRO B 195 21.96 -12.45 -5.85
CA PRO B 195 23.07 -13.41 -5.77
C PRO B 195 24.33 -12.80 -5.15
N SER B 196 24.94 -13.58 -4.24
CA SER B 196 25.99 -13.04 -3.37
C SER B 196 27.17 -12.50 -4.17
N SER B 197 27.43 -13.05 -5.37
CA SER B 197 28.52 -12.57 -6.22
C SER B 197 28.02 -11.82 -7.45
N SER B 198 27.06 -10.92 -7.25
CA SER B 198 26.59 -10.03 -8.31
C SER B 198 27.53 -8.84 -8.44
N LEU B 199 27.93 -8.53 -9.66
CA LEU B 199 28.94 -7.49 -9.88
C LEU B 199 28.34 -6.10 -9.86
N GLN B 202 26.59 -7.03 -12.37
CA GLN B 202 25.25 -6.58 -12.73
C GLN B 202 24.98 -5.13 -12.29
N THR B 203 24.37 -4.34 -13.17
CA THR B 203 24.03 -2.95 -12.87
C THR B 203 22.74 -2.91 -12.05
N TYR B 204 22.73 -2.09 -11.00
CA TYR B 204 21.60 -2.00 -10.06
C TYR B 204 21.17 -0.55 -9.93
N ILE B 205 20.02 -0.22 -10.51
CA ILE B 205 19.48 1.13 -10.50
C ILE B 205 18.16 1.13 -9.74
N CYS B 206 18.03 2.03 -8.78
CA CYS B 206 16.71 2.26 -8.21
C CYS B 206 16.17 3.56 -8.78
N ASN B 207 14.94 3.51 -9.28
CA ASN B 207 14.25 4.64 -9.89
C ASN B 207 13.20 5.17 -8.94
N VAL B 208 13.36 6.41 -8.52
CA VAL B 208 12.54 7.00 -7.49
C VAL B 208 11.88 8.24 -8.06
N ASN B 209 10.56 8.33 -7.94
CA ASN B 209 9.80 9.50 -8.37
C ASN B 209 8.90 9.98 -7.24
N HIS B 210 9.16 11.18 -6.75
CA HIS B 210 8.31 11.89 -5.81
C HIS B 210 7.63 12.98 -6.60
N LYS B 211 6.44 12.67 -7.10
CA LYS B 211 5.73 13.58 -8.00
C LYS B 211 5.43 14.93 -7.36
N PRO B 212 4.92 15.02 -6.12
CA PRO B 212 4.62 16.35 -5.54
C PRO B 212 5.79 17.33 -5.57
N SER B 213 7.03 16.86 -5.54
CA SER B 213 8.18 17.75 -5.60
C SER B 213 8.85 17.76 -6.98
N ASN B 214 8.27 17.08 -7.98
CA ASN B 214 8.90 16.87 -9.29
C ASN B 214 10.31 16.29 -9.18
N THR B 215 10.49 15.32 -8.28
CA THR B 215 11.80 14.72 -8.06
C THR B 215 11.85 13.38 -8.78
N LYS B 216 12.78 13.24 -9.73
CA LYS B 216 13.00 12.01 -10.48
C LYS B 216 14.48 11.69 -10.41
N VAL B 217 14.85 10.66 -9.66
CA VAL B 217 16.25 10.31 -9.45
C VAL B 217 16.43 8.83 -9.75
N ASP B 218 17.39 8.51 -10.59
CA ASP B 218 17.87 7.15 -10.76
C ASP B 218 19.23 7.07 -10.06
N LYS B 219 19.39 6.10 -9.15
CA LYS B 219 20.62 6.00 -8.37
C LYS B 219 21.26 4.63 -8.52
N LYS B 220 22.57 4.63 -8.84
CA LYS B 220 23.39 3.42 -8.95
C LYS B 220 23.86 2.95 -7.59
N VAL B 221 23.59 1.69 -7.27
CA VAL B 221 24.00 1.08 -6.00
C VAL B 221 25.13 0.11 -6.33
N GLU B 222 26.38 0.52 -6.00
CA GLU B 222 27.60 -0.19 -6.33
C GLU B 222 28.31 -0.69 -5.07
N PRO B 223 29.11 -1.77 -5.17
CA PRO B 223 29.83 -2.34 -4.03
C PRO B 223 30.82 -1.37 -3.37
#